data_3CLH
#
_entry.id   3CLH
#
_cell.length_a   158.294
_cell.length_b   158.294
_cell.length_c   97.387
_cell.angle_alpha   90.00
_cell.angle_beta   90.00
_cell.angle_gamma   120.00
#
_symmetry.space_group_name_H-M   'H 3'
#
loop_
_entity.id
_entity.type
_entity.pdbx_description
1 polymer '3-dehydroquinate synthase'
2 non-polymer 'ZINC ION'
3 non-polymer NICOTINAMIDE-ADENINE-DINUCLEOTIDE
4 water water
#
_entity_poly.entity_id   1
_entity_poly.type   'polypeptide(L)'
_entity_poly.pdbx_seq_one_letter_code
;MQEILIPLKEKNYKVFLGELPEIKLKQKALIISDSIVAGLHLPYLLERLKALEVRVCVIESGEKYKNFHSLERILNNAFE
MQLNRHSLMIALGGGVISDMVGFASSIYFRGIDFINIPTTLLAQVDASVGGKTGINTPYGKNLIGSFHQPKAVYMDLAFL
KTLEKREFQAGVAEIIKMAVCFDKNLVERLETKDLKDCLEEVIFQSVNIKAQVVVQDEKEQNIRAGLNYGHTFGHAIEKE
TDYERFLHGEAIAIGMRMANDLALSLGMLTLKEYERIENLLKKFDLIFHYKILDLQKFYERLFLDKKSENKTIKFILPKG
VGAFEVASHIPKETIIKVLEKWH
;
_entity_poly.pdbx_strand_id   A,B
#
# COMPACT_ATOMS: atom_id res chain seq x y z
N ILE A 4 -28.24 -16.56 4.29
CA ILE A 4 -27.32 -15.61 3.60
C ILE A 4 -27.16 -15.93 2.11
N LEU A 5 -27.17 -14.88 1.30
CA LEU A 5 -26.88 -15.00 -0.13
C LEU A 5 -25.43 -14.66 -0.38
N ILE A 6 -24.78 -15.40 -1.29
CA ILE A 6 -23.35 -15.21 -1.55
C ILE A 6 -23.02 -14.75 -2.98
N PRO A 7 -22.98 -13.42 -3.20
CA PRO A 7 -22.49 -12.91 -4.48
C PRO A 7 -20.96 -13.03 -4.60
N LEU A 8 -20.51 -13.55 -5.75
CA LEU A 8 -19.08 -13.69 -6.02
C LEU A 8 -18.62 -12.55 -6.93
N LYS A 9 -17.50 -11.94 -6.58
CA LYS A 9 -16.91 -10.87 -7.38
C LYS A 9 -16.29 -11.40 -8.68
N GLU A 10 -15.15 -12.07 -8.55
CA GLU A 10 -14.46 -12.68 -9.70
C GLU A 10 -13.65 -13.92 -9.30
N LYS A 11 -12.91 -13.81 -8.20
CA LYS A 11 -12.08 -14.91 -7.69
C LYS A 11 -11.67 -14.66 -6.23
N ASN A 12 -11.37 -13.41 -5.92
CA ASN A 12 -10.82 -13.01 -4.61
C ASN A 12 -11.70 -13.34 -3.41
N TYR A 13 -12.83 -12.65 -3.30
CA TYR A 13 -13.66 -12.72 -2.09
C TYR A 13 -15.16 -12.85 -2.36
N LYS A 14 -15.91 -13.18 -1.31
CA LYS A 14 -17.36 -13.35 -1.39
C LYS A 14 -18.08 -12.41 -0.44
N VAL A 15 -19.15 -11.79 -0.94
CA VAL A 15 -20.06 -11.01 -0.11
C VAL A 15 -21.04 -11.97 0.57
N PHE A 16 -21.44 -11.65 1.79
CA PHE A 16 -22.43 -12.45 2.52
C PHE A 16 -23.60 -11.56 2.94
N LEU A 17 -24.65 -11.59 2.13
CA LEU A 17 -25.81 -10.71 2.31
C LEU A 17 -26.89 -11.40 3.14
N GLY A 18 -27.08 -10.93 4.37
CA GLY A 18 -28.06 -11.50 5.29
C GLY A 18 -27.57 -11.51 6.72
N GLU A 19 -28.15 -12.38 7.55
CA GLU A 19 -27.80 -12.49 8.96
C GLU A 19 -26.38 -13.00 9.16
N LEU A 20 -25.61 -12.27 9.97
CA LEU A 20 -24.21 -12.60 10.24
C LEU A 20 -24.08 -14.00 10.85
N PRO A 21 -23.27 -14.88 10.21
CA PRO A 21 -23.07 -16.23 10.71
C PRO A 21 -21.90 -16.33 11.70
N GLU A 22 -21.60 -17.54 12.15
CA GLU A 22 -20.46 -17.79 13.03
C GLU A 22 -19.15 -17.65 12.26
N ILE A 23 -18.32 -16.70 12.68
CA ILE A 23 -17.02 -16.48 12.06
C ILE A 23 -15.92 -17.10 12.92
N LYS A 24 -15.50 -18.30 12.53
CA LYS A 24 -14.43 -19.01 13.24
C LYS A 24 -13.10 -18.78 12.53
N LEU A 25 -12.12 -18.31 13.29
CA LEU A 25 -10.80 -17.96 12.76
C LEU A 25 -9.69 -18.67 13.52
N LYS A 26 -8.65 -19.07 12.78
CA LYS A 26 -7.49 -19.72 13.37
C LYS A 26 -6.35 -18.72 13.64
N GLN A 27 -6.67 -17.44 13.60
CA GLN A 27 -5.69 -16.37 13.83
C GLN A 27 -6.23 -15.29 14.76
N LYS A 28 -5.33 -14.45 15.28
CA LYS A 28 -5.68 -13.33 16.14
C LYS A 28 -6.41 -12.24 15.36
N ALA A 29 -7.38 -11.60 16.00
CA ALA A 29 -8.21 -10.60 15.34
C ALA A 29 -8.33 -9.30 16.14
N LEU A 30 -8.32 -8.17 15.41
CA LEU A 30 -8.52 -6.85 16.01
C LEU A 30 -9.73 -6.17 15.38
N ILE A 31 -10.76 -5.93 16.18
CA ILE A 31 -11.97 -5.26 15.72
C ILE A 31 -11.85 -3.75 15.90
N ILE A 32 -12.10 -3.01 14.83
CA ILE A 32 -12.10 -1.55 14.87
C ILE A 32 -13.50 -1.01 14.55
N SER A 33 -14.03 -0.22 15.48
CA SER A 33 -15.36 0.36 15.36
C SER A 33 -15.35 1.82 15.83
N ASP A 34 -16.49 2.50 15.66
CA ASP A 34 -16.63 3.86 16.18
C ASP A 34 -17.48 3.90 17.46
N SER A 35 -17.50 5.06 18.12
CA SER A 35 -18.17 5.23 19.41
C SER A 35 -19.67 4.89 19.40
N ILE A 36 -20.35 5.22 18.31
CA ILE A 36 -21.78 4.97 18.19
C ILE A 36 -22.09 3.51 17.87
N VAL A 37 -21.35 2.93 16.92
CA VAL A 37 -21.55 1.54 16.50
C VAL A 37 -21.17 0.54 17.60
N ALA A 38 -20.13 0.86 18.37
CA ALA A 38 -19.67 0.00 19.46
C ALA A 38 -20.70 -0.17 20.59
N GLY A 39 -21.54 0.85 20.76
CA GLY A 39 -22.60 0.81 21.76
C GLY A 39 -23.95 0.35 21.22
N LEU A 40 -23.93 -0.22 20.02
CA LEU A 40 -25.16 -0.67 19.36
C LEU A 40 -25.03 -2.04 18.69
N HIS A 41 -23.91 -2.27 18.01
CA HIS A 41 -23.75 -3.45 17.16
C HIS A 41 -22.49 -4.28 17.41
N LEU A 42 -21.69 -3.88 18.39
CA LEU A 42 -20.47 -4.64 18.75
C LEU A 42 -20.76 -5.99 19.42
N PRO A 43 -21.74 -6.05 20.35
CA PRO A 43 -22.15 -7.34 20.94
C PRO A 43 -22.67 -8.34 19.90
N TYR A 44 -23.30 -7.84 18.86
CA TYR A 44 -23.83 -8.66 17.77
C TYR A 44 -22.71 -9.42 17.05
N LEU A 45 -21.56 -8.77 16.91
CA LEU A 45 -20.40 -9.37 16.26
C LEU A 45 -19.62 -10.29 17.20
N LEU A 46 -19.45 -9.84 18.45
CA LEU A 46 -18.64 -10.56 19.45
C LEU A 46 -19.24 -11.92 19.86
N GLU A 47 -20.56 -12.02 19.81
CA GLU A 47 -21.27 -13.25 20.19
C GLU A 47 -21.08 -14.38 19.17
N ARG A 48 -20.78 -14.02 17.93
CA ARG A 48 -20.61 -15.00 16.85
C ARG A 48 -19.22 -14.94 16.20
N LEU A 49 -18.24 -14.47 16.96
CA LEU A 49 -16.86 -14.44 16.50
C LEU A 49 -15.98 -15.29 17.41
N LYS A 50 -15.25 -16.23 16.80
CA LYS A 50 -14.34 -17.11 17.52
C LYS A 50 -12.94 -17.05 16.91
N ALA A 51 -11.97 -16.66 17.72
CA ALA A 51 -10.58 -16.51 17.27
C ALA A 51 -9.59 -16.82 18.41
N LEU A 52 -8.30 -16.80 18.08
CA LEU A 52 -7.24 -17.01 19.07
C LEU A 52 -7.22 -15.91 20.13
N GLU A 53 -7.28 -14.66 19.67
CA GLU A 53 -7.37 -13.50 20.57
C GLU A 53 -8.14 -12.36 19.91
N VAL A 54 -9.09 -11.79 20.65
CA VAL A 54 -9.93 -10.71 20.15
C VAL A 54 -9.79 -9.46 21.03
N ARG A 55 -9.33 -8.36 20.41
CA ARG A 55 -9.24 -7.07 21.08
C ARG A 55 -9.94 -5.98 20.26
N VAL A 56 -10.49 -4.99 20.95
CA VAL A 56 -11.28 -3.93 20.31
C VAL A 56 -10.59 -2.58 20.37
N CYS A 57 -10.53 -1.89 19.24
CA CYS A 57 -10.03 -0.52 19.16
C CYS A 57 -11.16 0.39 18.64
N VAL A 58 -11.53 1.38 19.45
CA VAL A 58 -12.64 2.27 19.11
C VAL A 58 -12.18 3.69 18.77
N ILE A 59 -12.53 4.13 17.56
CA ILE A 59 -12.28 5.50 17.11
C ILE A 59 -13.52 6.34 17.43
N GLU A 60 -13.32 7.65 17.60
CA GLU A 60 -14.45 8.57 17.80
C GLU A 60 -15.22 8.75 16.49
N SER A 61 -16.54 8.81 16.60
CA SER A 61 -17.42 8.94 15.44
C SER A 61 -17.30 10.31 14.76
N GLY A 62 -17.24 10.28 13.43
CA GLY A 62 -17.15 11.50 12.64
C GLY A 62 -16.22 11.45 11.46
N GLU A 63 -16.43 12.34 10.51
CA GLU A 63 -15.59 12.47 9.31
C GLU A 63 -14.24 13.11 9.65
N LYS A 64 -14.23 13.98 10.66
CA LYS A 64 -13.03 14.70 11.09
C LYS A 64 -11.96 13.79 11.72
N TYR A 65 -12.36 12.58 12.09
CA TYR A 65 -11.44 11.60 12.67
C TYR A 65 -10.82 10.67 11.64
N LYS A 66 -11.17 10.87 10.37
CA LYS A 66 -10.60 10.10 9.26
C LYS A 66 -9.25 10.73 8.86
N ASN A 67 -8.24 10.49 9.69
CA ASN A 67 -6.91 11.06 9.48
C ASN A 67 -5.79 10.10 9.90
N PHE A 68 -4.57 10.64 10.02
CA PHE A 68 -3.42 9.84 10.44
C PHE A 68 -3.48 9.48 11.93
N HIS A 69 -3.97 10.39 12.75
CA HIS A 69 -4.04 10.21 14.20
C HIS A 69 -4.83 8.96 14.60
N SER A 70 -5.95 8.73 13.92
CA SER A 70 -6.77 7.54 14.14
C SER A 70 -6.15 6.31 13.50
N LEU A 71 -5.51 6.51 12.34
CA LEU A 71 -4.82 5.44 11.62
C LEU A 71 -3.65 4.89 12.43
N GLU A 72 -2.93 5.79 13.11
CA GLU A 72 -1.81 5.44 13.98
C GLU A 72 -2.29 4.60 15.16
N ARG A 73 -3.47 4.94 15.69
CA ARG A 73 -4.06 4.22 16.81
C ARG A 73 -4.48 2.79 16.44
N ILE A 74 -5.00 2.63 15.22
CA ILE A 74 -5.38 1.31 14.70
C ILE A 74 -4.15 0.43 14.53
N LEU A 75 -3.05 1.02 14.05
CA LEU A 75 -1.79 0.31 13.88
C LEU A 75 -1.16 -0.05 15.22
N ASN A 76 -1.17 0.91 16.16
CA ASN A 76 -0.61 0.71 17.50
C ASN A 76 -1.33 -0.38 18.30
N ASN A 77 -2.66 -0.43 18.17
CA ASN A 77 -3.47 -1.48 18.80
C ASN A 77 -3.15 -2.87 18.25
N ALA A 78 -2.78 -2.92 16.98
CA ALA A 78 -2.35 -4.15 16.33
C ALA A 78 -0.96 -4.56 16.80
N PHE A 79 -0.11 -3.57 17.08
CA PHE A 79 1.22 -3.80 17.62
C PHE A 79 1.20 -4.24 19.08
N GLU A 80 0.24 -3.70 19.84
CA GLU A 80 0.12 -3.98 21.27
C GLU A 80 -0.28 -5.42 21.57
N MET A 81 -1.12 -6.00 20.73
CA MET A 81 -1.55 -7.39 20.89
C MET A 81 -0.70 -8.35 20.05
N GLN A 82 0.38 -7.83 19.47
CA GLN A 82 1.33 -8.60 18.66
C GLN A 82 0.70 -9.31 17.47
N LEU A 83 0.16 -8.53 16.53
CA LEU A 83 -0.36 -9.08 15.29
C LEU A 83 0.75 -9.21 14.26
N ASN A 84 0.70 -10.29 13.48
CA ASN A 84 1.69 -10.54 12.42
C ASN A 84 1.05 -10.60 11.03
N ARG A 85 1.78 -11.17 10.06
CA ARG A 85 1.30 -11.26 8.68
C ARG A 85 0.14 -12.23 8.49
N HIS A 86 -0.09 -13.10 9.46
CA HIS A 86 -1.17 -14.07 9.43
C HIS A 86 -2.46 -13.52 10.06
N SER A 87 -2.32 -12.46 10.83
CA SER A 87 -3.42 -11.88 11.62
C SER A 87 -4.51 -11.19 10.77
N LEU A 88 -5.61 -10.84 11.42
CA LEU A 88 -6.77 -10.26 10.74
C LEU A 88 -7.25 -8.97 11.42
N MET A 89 -7.77 -8.05 10.62
CA MET A 89 -8.45 -6.85 11.12
C MET A 89 -9.92 -6.88 10.74
N ILE A 90 -10.78 -6.42 11.64
CA ILE A 90 -12.22 -6.41 11.41
C ILE A 90 -12.78 -5.00 11.45
N ALA A 91 -13.41 -4.58 10.36
CA ALA A 91 -14.03 -3.27 10.25
C ALA A 91 -15.53 -3.33 10.49
N LEU A 92 -15.97 -2.75 11.61
CA LEU A 92 -17.38 -2.69 11.95
C LEU A 92 -17.85 -1.24 12.06
N GLY A 93 -18.32 -0.69 10.95
CA GLY A 93 -18.78 0.70 10.89
C GLY A 93 -19.12 1.14 9.48
N GLY A 94 -19.17 2.46 9.29
CA GLY A 94 -19.49 3.04 7.98
C GLY A 94 -18.31 3.05 7.02
N GLY A 95 -18.38 3.97 6.05
CA GLY A 95 -17.32 4.10 5.05
C GLY A 95 -16.03 4.69 5.59
N VAL A 96 -16.14 5.46 6.66
CA VAL A 96 -14.99 6.07 7.33
C VAL A 96 -14.12 5.01 8.01
N ILE A 97 -14.76 4.07 8.69
CA ILE A 97 -14.07 2.98 9.39
C ILE A 97 -13.42 2.01 8.40
N SER A 98 -14.18 1.58 7.41
CA SER A 98 -13.71 0.62 6.39
C SER A 98 -12.49 1.10 5.61
N ASP A 99 -12.47 2.39 5.29
CA ASP A 99 -11.35 3.00 4.58
C ASP A 99 -10.10 3.10 5.43
N MET A 100 -10.28 3.36 6.73
CA MET A 100 -9.16 3.44 7.67
C MET A 100 -8.58 2.07 8.00
N VAL A 101 -9.46 1.11 8.29
CA VAL A 101 -9.06 -0.27 8.61
C VAL A 101 -8.41 -0.94 7.39
N GLY A 102 -9.02 -0.74 6.22
CA GLY A 102 -8.51 -1.30 4.96
C GLY A 102 -7.14 -0.77 4.59
N PHE A 103 -6.90 0.51 4.87
CA PHE A 103 -5.59 1.13 4.61
C PHE A 103 -4.58 0.75 5.69
N ALA A 104 -5.04 0.57 6.93
CA ALA A 104 -4.18 0.15 8.03
C ALA A 104 -3.72 -1.30 7.87
N SER A 105 -4.62 -2.15 7.37
CA SER A 105 -4.32 -3.56 7.14
C SER A 105 -3.39 -3.76 5.93
N SER A 106 -3.47 -2.85 4.97
CA SER A 106 -2.64 -2.92 3.76
C SER A 106 -1.18 -2.56 4.03
N ILE A 107 -0.95 -1.74 5.06
CA ILE A 107 0.39 -1.29 5.41
C ILE A 107 1.02 -2.05 6.57
N TYR A 108 0.19 -2.64 7.43
CA TYR A 108 0.65 -3.40 8.58
C TYR A 108 1.28 -4.72 8.15
N PHE A 109 2.57 -4.89 8.45
CA PHE A 109 3.37 -6.02 8.00
C PHE A 109 3.30 -6.22 6.48
N ARG A 110 3.27 -5.10 5.76
CA ARG A 110 3.21 -5.06 4.29
C ARG A 110 1.97 -5.73 3.67
N GLY A 111 0.90 -5.82 4.45
CA GLY A 111 -0.37 -6.36 3.96
C GLY A 111 -0.87 -7.57 4.72
N ILE A 112 -2.00 -7.37 5.43
CA ILE A 112 -2.69 -8.47 6.13
C ILE A 112 -4.16 -8.53 5.72
N ASP A 113 -4.80 -9.67 5.98
CA ASP A 113 -6.21 -9.87 5.65
C ASP A 113 -7.12 -9.01 6.53
N PHE A 114 -8.18 -8.47 5.94
CA PHE A 114 -9.18 -7.72 6.70
C PHE A 114 -10.61 -8.02 6.24
N ILE A 115 -11.52 -8.15 7.21
CA ILE A 115 -12.92 -8.42 6.94
C ILE A 115 -13.76 -7.15 7.17
N ASN A 116 -14.45 -6.72 6.13
CA ASN A 116 -15.29 -5.52 6.20
C ASN A 116 -16.77 -5.86 6.45
N ILE A 117 -17.29 -5.35 7.56
CA ILE A 117 -18.70 -5.51 7.90
C ILE A 117 -19.35 -4.13 8.00
N PRO A 118 -19.89 -3.62 6.87
CA PRO A 118 -20.50 -2.29 6.81
C PRO A 118 -21.82 -2.19 7.57
N THR A 119 -22.03 -1.06 8.24
CA THR A 119 -23.24 -0.82 9.03
C THR A 119 -24.16 0.22 8.40
N THR A 120 -23.59 1.16 7.67
CA THR A 120 -24.36 2.17 6.94
C THR A 120 -24.80 1.65 5.57
N LEU A 121 -25.88 2.22 5.05
CA LEU A 121 -26.39 1.87 3.72
C LEU A 121 -25.43 2.28 2.61
N LEU A 122 -24.76 3.41 2.83
CA LEU A 122 -23.75 3.92 1.89
C LEU A 122 -22.56 2.97 1.76
N ALA A 123 -22.09 2.44 2.89
CA ALA A 123 -20.95 1.53 2.91
C ALA A 123 -21.29 0.14 2.37
N GLN A 124 -22.57 -0.24 2.48
CA GLN A 124 -23.03 -1.53 1.99
C GLN A 124 -23.18 -1.58 0.47
N VAL A 125 -23.36 -0.42 -0.16
CA VAL A 125 -23.59 -0.35 -1.61
C VAL A 125 -22.41 0.24 -2.40
N ASP A 126 -21.51 0.94 -1.72
CA ASP A 126 -20.44 1.67 -2.40
C ASP A 126 -19.04 1.41 -1.83
N ALA A 127 -18.89 1.55 -0.51
CA ALA A 127 -17.58 1.46 0.15
C ALA A 127 -17.05 0.04 0.31
N SER A 128 -17.96 -0.93 0.38
CA SER A 128 -17.59 -2.34 0.59
C SER A 128 -16.86 -2.95 -0.61
N VAL A 129 -17.47 -2.86 -1.78
CA VAL A 129 -16.90 -3.41 -3.01
C VAL A 129 -16.14 -2.34 -3.78
N GLY A 130 -14.89 -2.64 -4.13
CA GLY A 130 -14.03 -1.71 -4.87
C GLY A 130 -12.57 -1.87 -4.54
N GLY A 131 -12.26 -1.91 -3.23
CA GLY A 131 -10.88 -2.04 -2.76
C GLY A 131 -10.24 -0.71 -2.39
N LYS A 132 -10.94 0.38 -2.69
CA LYS A 132 -10.45 1.73 -2.40
C LYS A 132 -10.44 2.02 -0.91
N THR A 133 -9.25 2.29 -0.38
CA THR A 133 -9.07 2.62 1.04
C THR A 133 -8.28 3.92 1.17
N GLY A 134 -8.32 4.53 2.36
CA GLY A 134 -7.54 5.73 2.61
C GLY A 134 -7.99 6.63 3.75
N ILE A 135 -7.26 7.72 3.94
CA ILE A 135 -7.53 8.71 4.98
C ILE A 135 -7.49 10.14 4.41
N ASN A 136 -7.98 11.11 5.17
CA ASN A 136 -7.96 12.51 4.76
C ASN A 136 -6.70 13.25 5.23
N THR A 137 -6.23 14.18 4.40
CA THR A 137 -5.06 14.99 4.70
C THR A 137 -5.39 16.48 4.60
N PRO A 138 -4.55 17.36 5.20
CA PRO A 138 -4.75 18.81 5.08
C PRO A 138 -4.83 19.32 3.64
N TYR A 139 -4.31 18.54 2.69
CA TYR A 139 -4.35 18.89 1.27
C TYR A 139 -5.64 18.46 0.58
N GLY A 140 -6.39 17.55 1.21
CA GLY A 140 -7.67 17.09 0.68
C GLY A 140 -8.09 15.70 1.15
N LYS A 141 -9.28 15.29 0.72
CA LYS A 141 -9.86 14.01 1.14
C LYS A 141 -9.43 12.85 0.23
N ASN A 142 -9.19 11.70 0.85
CA ASN A 142 -8.85 10.44 0.16
C ASN A 142 -7.68 10.55 -0.82
N LEU A 143 -6.65 11.30 -0.43
CA LEU A 143 -5.46 11.48 -1.27
C LEU A 143 -4.32 10.56 -0.86
N ILE A 144 -4.39 10.03 0.36
CA ILE A 144 -3.43 9.04 0.84
C ILE A 144 -4.17 7.73 1.17
N GLY A 145 -3.92 6.72 0.36
CA GLY A 145 -4.57 5.42 0.51
C GLY A 145 -3.94 4.31 -0.31
N SER A 146 -4.68 3.22 -0.49
CA SER A 146 -4.21 2.05 -1.24
C SER A 146 -5.36 1.20 -1.77
N PHE A 147 -5.05 0.33 -2.73
CA PHE A 147 -6.01 -0.64 -3.23
C PHE A 147 -5.83 -1.98 -2.51
N HIS A 148 -6.70 -2.24 -1.53
CA HIS A 148 -6.61 -3.44 -0.71
C HIS A 148 -7.94 -4.18 -0.69
N GLN A 149 -7.96 -5.37 -1.28
CA GLN A 149 -9.16 -6.19 -1.36
C GLN A 149 -9.40 -6.95 -0.06
N PRO A 150 -10.65 -6.91 0.46
CA PRO A 150 -11.01 -7.59 1.70
C PRO A 150 -11.04 -9.12 1.56
N LYS A 151 -10.87 -9.82 2.67
CA LYS A 151 -10.94 -11.27 2.71
C LYS A 151 -12.39 -11.75 2.54
N ALA A 152 -13.31 -11.07 3.21
CA ALA A 152 -14.74 -11.36 3.13
C ALA A 152 -15.56 -10.13 3.53
N VAL A 153 -16.69 -9.94 2.86
CA VAL A 153 -17.61 -8.86 3.19
C VAL A 153 -18.93 -9.43 3.72
N TYR A 154 -19.39 -8.90 4.86
CA TYR A 154 -20.64 -9.34 5.47
C TYR A 154 -21.63 -8.19 5.55
N MET A 155 -22.73 -8.32 4.80
CA MET A 155 -23.76 -7.28 4.74
C MET A 155 -25.03 -7.74 5.46
N ASP A 156 -25.29 -7.12 6.61
CA ASP A 156 -26.47 -7.42 7.41
C ASP A 156 -27.40 -6.22 7.47
N LEU A 157 -28.67 -6.45 7.14
CA LEU A 157 -29.69 -5.40 7.15
C LEU A 157 -30.14 -5.02 8.56
N ALA A 158 -29.71 -5.79 9.55
CA ALA A 158 -30.02 -5.54 10.95
C ALA A 158 -29.32 -4.29 11.49
N PHE A 159 -28.16 -3.97 10.92
CA PHE A 159 -27.39 -2.79 11.30
C PHE A 159 -28.02 -1.50 10.76
N LEU A 160 -28.79 -1.63 9.69
CA LEU A 160 -29.40 -0.49 9.00
C LEU A 160 -30.60 0.11 9.74
N LYS A 161 -31.17 -0.66 10.65
CA LYS A 161 -32.37 -0.26 11.39
C LYS A 161 -32.13 0.85 12.41
N THR A 162 -30.90 0.92 12.94
CA THR A 162 -30.54 1.92 13.94
C THR A 162 -30.12 3.26 13.34
N LEU A 163 -29.96 3.28 12.01
CA LEU A 163 -29.56 4.49 11.29
C LEU A 163 -30.63 5.57 11.33
N GLU A 164 -30.19 6.83 11.32
CA GLU A 164 -31.10 7.98 11.25
C GLU A 164 -31.70 8.09 9.86
N LYS A 165 -32.84 8.79 9.76
CA LYS A 165 -33.55 8.98 8.50
C LYS A 165 -32.70 9.71 7.46
N ARG A 166 -31.98 10.74 7.91
CA ARG A 166 -31.12 11.55 7.04
C ARG A 166 -29.94 10.75 6.48
N GLU A 167 -29.34 9.91 7.33
CA GLU A 167 -28.21 9.08 6.93
C GLU A 167 -28.62 7.94 5.99
N PHE A 168 -29.85 7.47 6.16
CA PHE A 168 -30.38 6.37 5.34
C PHE A 168 -30.74 6.84 3.93
N GLN A 169 -31.42 7.98 3.84
CA GLN A 169 -31.87 8.53 2.56
C GLN A 169 -30.71 9.04 1.71
N ALA A 170 -29.62 9.45 2.37
CA ALA A 170 -28.39 9.87 1.69
C ALA A 170 -27.69 8.67 1.05
N GLY A 171 -27.87 7.50 1.65
CA GLY A 171 -27.34 6.25 1.11
C GLY A 171 -28.11 5.76 -0.09
N VAL A 172 -29.38 6.16 -0.19
CA VAL A 172 -30.24 5.82 -1.32
C VAL A 172 -29.84 6.61 -2.56
N ALA A 173 -29.32 7.82 -2.35
CA ALA A 173 -28.88 8.70 -3.44
C ALA A 173 -27.80 8.06 -4.31
N GLU A 174 -26.94 7.25 -3.70
CA GLU A 174 -25.89 6.54 -4.41
C GLU A 174 -26.43 5.31 -5.14
N ILE A 175 -27.52 4.75 -4.63
CA ILE A 175 -28.20 3.62 -5.26
C ILE A 175 -28.90 4.08 -6.55
N ILE A 176 -29.57 5.22 -6.48
CA ILE A 176 -30.22 5.84 -7.64
C ILE A 176 -29.16 6.26 -8.67
N LYS A 177 -28.03 6.77 -8.17
CA LYS A 177 -26.88 7.14 -9.00
C LYS A 177 -26.39 5.97 -9.85
N MET A 178 -26.25 4.81 -9.21
CA MET A 178 -25.81 3.59 -9.90
C MET A 178 -26.89 3.01 -10.80
N ALA A 179 -28.15 3.24 -10.44
CA ALA A 179 -29.29 2.73 -11.21
C ALA A 179 -29.50 3.47 -12.52
N VAL A 180 -29.56 4.80 -12.43
CA VAL A 180 -29.83 5.66 -13.60
C VAL A 180 -28.76 5.54 -14.70
N CYS A 181 -27.54 5.21 -14.30
CA CYS A 181 -26.42 5.11 -15.23
C CYS A 181 -26.06 3.70 -15.71
N PHE A 182 -26.59 2.67 -15.03
CA PHE A 182 -26.24 1.29 -15.35
C PHE A 182 -27.42 0.33 -15.50
N ASP A 183 -28.41 0.43 -14.63
CA ASP A 183 -29.52 -0.54 -14.61
C ASP A 183 -30.90 0.12 -14.67
N LYS A 184 -31.58 -0.04 -15.80
CA LYS A 184 -32.93 0.45 -16.00
C LYS A 184 -33.94 -0.27 -15.10
N ASN A 185 -33.71 -1.56 -14.87
CA ASN A 185 -34.58 -2.38 -14.03
C ASN A 185 -34.58 -1.99 -12.55
N LEU A 186 -33.45 -1.49 -12.07
CA LEU A 186 -33.34 -1.01 -10.69
C LEU A 186 -34.05 0.33 -10.50
N VAL A 187 -34.05 1.15 -11.55
CA VAL A 187 -34.79 2.42 -11.57
C VAL A 187 -36.29 2.14 -11.42
N GLU A 188 -36.78 1.19 -12.21
CA GLU A 188 -38.19 0.80 -12.19
C GLU A 188 -38.61 0.12 -10.89
N ARG A 189 -37.67 -0.54 -10.23
CA ARG A 189 -37.91 -1.17 -8.93
C ARG A 189 -38.08 -0.12 -7.83
N LEU A 190 -37.24 0.92 -7.86
CA LEU A 190 -37.29 2.01 -6.89
C LEU A 190 -38.52 2.90 -7.09
N GLU A 191 -38.99 3.00 -8.33
CA GLU A 191 -40.15 3.82 -8.68
C GLU A 191 -41.48 3.18 -8.27
N THR A 192 -41.56 1.86 -8.38
CA THR A 192 -42.82 1.14 -8.21
C THR A 192 -42.96 0.43 -6.85
N LYS A 193 -41.83 0.05 -6.26
CA LYS A 193 -41.84 -0.65 -4.98
C LYS A 193 -41.39 0.24 -3.82
N ASP A 194 -41.94 -0.02 -2.64
CA ASP A 194 -41.49 0.63 -1.41
C ASP A 194 -40.16 0.00 -0.99
N LEU A 195 -39.22 0.85 -0.56
CA LEU A 195 -37.87 0.40 -0.22
C LEU A 195 -37.84 -0.55 0.98
N LYS A 196 -38.77 -0.36 1.91
CA LYS A 196 -38.88 -1.20 3.10
C LYS A 196 -39.33 -2.62 2.78
N ASP A 197 -39.88 -2.82 1.59
CA ASP A 197 -40.40 -4.12 1.15
C ASP A 197 -39.38 -4.93 0.35
N CYS A 198 -38.45 -4.24 -0.31
CA CYS A 198 -37.43 -4.90 -1.14
C CYS A 198 -36.03 -4.34 -0.90
N LEU A 199 -35.69 -4.10 0.36
CA LEU A 199 -34.40 -3.51 0.74
C LEU A 199 -33.23 -4.45 0.41
N GLU A 200 -33.46 -5.76 0.59
CA GLU A 200 -32.46 -6.78 0.30
C GLU A 200 -32.20 -6.91 -1.21
N GLU A 201 -33.29 -6.86 -1.99
CA GLU A 201 -33.22 -6.97 -3.45
C GLU A 201 -32.57 -5.75 -4.09
N VAL A 202 -32.74 -4.59 -3.46
CA VAL A 202 -32.14 -3.34 -3.92
C VAL A 202 -30.62 -3.34 -3.68
N ILE A 203 -30.20 -3.80 -2.50
CA ILE A 203 -28.78 -3.92 -2.15
C ILE A 203 -28.08 -4.94 -3.05
N PHE A 204 -28.71 -6.10 -3.24
CA PHE A 204 -28.17 -7.17 -4.08
C PHE A 204 -27.85 -6.69 -5.50
N GLN A 205 -28.74 -5.89 -6.07
CA GLN A 205 -28.55 -5.31 -7.39
C GLN A 205 -27.52 -4.19 -7.38
N SER A 206 -27.41 -3.47 -6.26
CA SER A 206 -26.44 -2.40 -6.10
C SER A 206 -25.02 -2.93 -5.97
N VAL A 207 -24.87 -4.10 -5.35
CA VAL A 207 -23.58 -4.77 -5.21
C VAL A 207 -23.13 -5.31 -6.58
N ASN A 208 -24.07 -5.89 -7.32
CA ASN A 208 -23.82 -6.42 -8.65
C ASN A 208 -23.29 -5.37 -9.64
N ILE A 209 -23.91 -4.20 -9.64
CA ILE A 209 -23.48 -3.07 -10.48
C ILE A 209 -22.04 -2.67 -10.15
N LYS A 210 -21.74 -2.52 -8.86
CA LYS A 210 -20.40 -2.17 -8.40
C LYS A 210 -19.38 -3.26 -8.72
N ALA A 211 -19.84 -4.51 -8.71
CA ALA A 211 -18.98 -5.66 -9.01
C ALA A 211 -18.67 -5.79 -10.50
N GLN A 212 -19.67 -5.53 -11.34
CA GLN A 212 -19.52 -5.64 -12.80
C GLN A 212 -18.68 -4.52 -13.40
N VAL A 213 -18.71 -3.36 -12.76
CA VAL A 213 -17.93 -2.19 -13.20
C VAL A 213 -16.44 -2.40 -12.95
N VAL A 214 -16.10 -2.83 -11.74
CA VAL A 214 -14.71 -3.08 -11.36
C VAL A 214 -14.19 -4.36 -12.00
N ARG A 224 -14.48 2.69 -15.27
CA ARG A 224 -14.93 2.96 -13.92
C ARG A 224 -15.69 4.28 -13.83
N ALA A 225 -15.45 5.17 -14.79
CA ALA A 225 -16.18 6.41 -14.92
C ALA A 225 -17.65 6.14 -15.20
N GLY A 226 -18.52 6.83 -14.48
CA GLY A 226 -19.96 6.55 -14.50
C GLY A 226 -20.50 6.49 -13.08
N LEU A 227 -19.63 6.07 -12.16
CA LEU A 227 -19.93 6.09 -10.73
C LEU A 227 -19.72 7.49 -10.15
N ASN A 228 -19.17 8.38 -10.99
CA ASN A 228 -19.02 9.79 -10.63
C ASN A 228 -20.15 10.66 -11.18
N TYR A 229 -21.33 10.08 -11.29
CA TYR A 229 -22.52 10.77 -11.75
C TYR A 229 -23.05 11.71 -10.67
N GLY A 230 -22.89 13.00 -10.91
CA GLY A 230 -23.26 14.03 -9.93
C GLY A 230 -22.14 14.34 -8.96
N HIS A 231 -20.94 13.87 -9.27
CA HIS A 231 -19.76 14.09 -8.43
C HIS A 231 -18.98 15.35 -8.83
N THR A 232 -19.06 15.71 -10.10
CA THR A 232 -18.40 16.91 -10.62
C THR A 232 -19.05 18.17 -10.04
N PHE A 233 -20.38 18.18 -10.04
CA PHE A 233 -21.15 19.28 -9.46
C PHE A 233 -21.21 19.16 -7.94
N GLY A 234 -21.32 17.93 -7.44
CA GLY A 234 -21.41 17.65 -6.01
C GLY A 234 -20.20 18.06 -5.20
N HIS A 235 -19.01 17.92 -5.79
CA HIS A 235 -17.76 18.36 -5.17
C HIS A 235 -17.68 19.89 -5.09
N ALA A 236 -18.22 20.55 -6.11
CA ALA A 236 -18.24 22.01 -6.16
C ALA A 236 -19.19 22.62 -5.13
N ILE A 237 -20.27 21.90 -4.83
CA ILE A 237 -21.23 22.32 -3.81
C ILE A 237 -20.64 22.16 -2.41
N GLU A 238 -19.98 21.01 -2.18
CA GLU A 238 -19.34 20.71 -0.89
C GLU A 238 -18.19 21.66 -0.56
N LYS A 239 -17.43 22.05 -1.58
CA LYS A 239 -16.29 22.96 -1.40
C LYS A 239 -16.74 24.39 -1.14
N GLU A 240 -17.87 24.77 -1.71
CA GLU A 240 -18.45 26.11 -1.51
C GLU A 240 -19.12 26.22 -0.15
N THR A 241 -19.69 25.11 0.33
CA THR A 241 -20.37 25.07 1.63
C THR A 241 -19.44 24.65 2.77
N ASP A 242 -18.19 24.35 2.42
CA ASP A 242 -17.16 23.91 3.38
C ASP A 242 -17.50 22.61 4.12
N TYR A 243 -18.18 21.70 3.43
CA TYR A 243 -18.59 20.39 3.98
C TYR A 243 -19.37 20.53 5.30
N GLU A 244 -20.25 21.53 5.36
CA GLU A 244 -20.92 21.89 6.60
C GLU A 244 -22.43 21.61 6.59
N ARG A 245 -23.09 21.91 5.47
CA ARG A 245 -24.54 21.79 5.38
C ARG A 245 -25.00 20.40 4.95
N PHE A 246 -24.46 19.90 3.83
CA PHE A 246 -24.92 18.65 3.23
C PHE A 246 -24.05 17.45 3.58
N LEU A 247 -24.66 16.27 3.56
CA LEU A 247 -23.93 15.00 3.59
C LEU A 247 -23.49 14.68 2.16
N HIS A 248 -22.59 13.71 2.01
CA HIS A 248 -22.05 13.34 0.69
C HIS A 248 -23.15 12.96 -0.31
N GLY A 249 -24.14 12.20 0.15
CA GLY A 249 -25.27 11.79 -0.68
C GLY A 249 -26.21 12.92 -1.01
N GLU A 250 -26.33 13.88 -0.10
CA GLU A 250 -27.20 15.05 -0.27
C GLU A 250 -26.66 16.03 -1.31
N ALA A 251 -25.34 16.17 -1.34
CA ALA A 251 -24.67 17.05 -2.32
C ALA A 251 -24.67 16.42 -3.71
N ILE A 252 -24.56 15.09 -3.76
CA ILE A 252 -24.66 14.34 -5.01
C ILE A 252 -26.08 14.38 -5.57
N ALA A 253 -27.08 14.41 -4.67
CA ALA A 253 -28.48 14.53 -5.05
C ALA A 253 -28.77 15.81 -5.83
N ILE A 254 -28.14 16.91 -5.42
CA ILE A 254 -28.23 18.18 -6.15
C ILE A 254 -27.38 18.10 -7.41
N GLY A 255 -26.22 17.44 -7.30
CA GLY A 255 -25.29 17.27 -8.42
C GLY A 255 -25.85 16.45 -9.57
N MET A 256 -26.66 15.45 -9.24
CA MET A 256 -27.35 14.64 -10.23
C MET A 256 -28.39 15.45 -10.99
N ARG A 257 -29.08 16.33 -10.27
CA ARG A 257 -30.07 17.24 -10.86
C ARG A 257 -29.42 18.28 -11.76
N MET A 258 -28.23 18.75 -11.38
CA MET A 258 -27.44 19.66 -12.20
C MET A 258 -26.95 18.97 -13.47
N ALA A 259 -26.62 17.69 -13.34
CA ALA A 259 -26.23 16.86 -14.48
C ALA A 259 -27.42 16.54 -15.37
N ASN A 260 -28.60 16.45 -14.76
CA ASN A 260 -29.85 16.22 -15.49
C ASN A 260 -30.26 17.43 -16.33
N ASP A 261 -29.92 18.63 -15.86
CA ASP A 261 -30.19 19.88 -16.58
C ASP A 261 -29.34 19.99 -17.85
N LEU A 262 -28.10 19.52 -17.76
CA LEU A 262 -27.18 19.53 -18.89
C LEU A 262 -27.53 18.44 -19.91
N ALA A 263 -28.00 17.30 -19.41
CA ALA A 263 -28.40 16.18 -20.26
C ALA A 263 -29.72 16.46 -20.99
N LEU A 264 -30.59 17.26 -20.37
CA LEU A 264 -31.86 17.66 -20.97
C LEU A 264 -31.65 18.68 -22.09
N SER A 265 -30.69 19.57 -21.89
CA SER A 265 -30.36 20.62 -22.86
C SER A 265 -29.66 20.07 -24.10
N LEU A 266 -28.93 18.96 -23.93
CA LEU A 266 -28.22 18.31 -25.04
C LEU A 266 -29.10 17.32 -25.81
N GLY A 267 -30.21 16.90 -25.19
CA GLY A 267 -31.13 15.95 -25.80
C GLY A 267 -30.86 14.51 -25.40
N MET A 268 -29.99 14.33 -24.40
CA MET A 268 -29.66 13.02 -23.87
C MET A 268 -30.81 12.45 -23.04
N LEU A 269 -31.47 13.35 -22.30
CA LEU A 269 -32.68 13.00 -21.55
C LEU A 269 -33.89 13.71 -22.15
N THR A 270 -35.01 12.99 -22.25
CA THR A 270 -36.28 13.60 -22.61
C THR A 270 -36.90 14.23 -21.36
N LEU A 271 -37.90 15.09 -21.55
CA LEU A 271 -38.58 15.76 -20.44
C LEU A 271 -39.23 14.78 -19.48
N LYS A 272 -39.72 13.65 -20.02
CA LYS A 272 -40.31 12.58 -19.22
C LYS A 272 -39.25 11.84 -18.41
N GLU A 273 -38.08 11.63 -19.02
CA GLU A 273 -36.95 10.97 -18.35
C GLU A 273 -36.33 11.88 -17.28
N TYR A 274 -36.32 13.18 -17.54
CA TYR A 274 -35.83 14.19 -16.60
C TYR A 274 -36.70 14.25 -15.34
N GLU A 275 -38.01 14.18 -15.54
CA GLU A 275 -38.96 14.23 -14.43
C GLU A 275 -38.99 12.96 -13.60
N ARG A 276 -38.70 11.83 -14.25
CA ARG A 276 -38.66 10.52 -13.59
C ARG A 276 -37.58 10.43 -12.51
N ILE A 277 -36.40 10.99 -12.81
CA ILE A 277 -35.27 10.99 -11.86
C ILE A 277 -35.54 11.97 -10.71
N GLU A 278 -36.14 13.12 -11.04
CA GLU A 278 -36.47 14.14 -10.03
C GLU A 278 -37.55 13.65 -9.06
N ASN A 279 -38.54 12.92 -9.57
CA ASN A 279 -39.60 12.34 -8.75
C ASN A 279 -39.11 11.16 -7.91
N LEU A 280 -38.09 10.46 -8.41
CA LEU A 280 -37.46 9.36 -7.69
C LEU A 280 -36.69 9.90 -6.48
N LEU A 281 -36.02 11.04 -6.67
CA LEU A 281 -35.33 11.73 -5.58
C LEU A 281 -36.31 12.38 -4.61
N LYS A 282 -37.48 12.75 -5.12
CA LYS A 282 -38.56 13.33 -4.31
C LYS A 282 -39.20 12.27 -3.40
N LYS A 283 -39.20 11.03 -3.88
CA LYS A 283 -39.72 9.89 -3.13
C LYS A 283 -38.86 9.58 -1.91
N PHE A 284 -37.56 9.82 -2.04
CA PHE A 284 -36.60 9.56 -0.95
C PHE A 284 -36.09 10.84 -0.28
N ASP A 285 -36.85 11.92 -0.41
CA ASP A 285 -36.56 13.22 0.21
C ASP A 285 -35.13 13.71 -0.08
N LEU A 286 -34.83 13.90 -1.37
CA LEU A 286 -33.49 14.29 -1.80
C LEU A 286 -33.46 15.58 -2.62
N ILE A 287 -34.51 16.38 -2.51
CA ILE A 287 -34.55 17.69 -3.16
C ILE A 287 -34.05 18.77 -2.21
N PHE A 288 -32.93 19.38 -2.58
CA PHE A 288 -32.33 20.48 -1.83
C PHE A 288 -32.08 21.63 -2.79
N HIS A 289 -32.68 22.78 -2.48
CA HIS A 289 -32.69 23.92 -3.40
C HIS A 289 -31.33 24.58 -3.56
N TYR A 290 -31.07 25.05 -4.78
CA TYR A 290 -29.82 25.72 -5.14
C TYR A 290 -29.66 26.98 -4.30
N LYS A 291 -30.45 28.01 -4.62
CA LYS A 291 -30.56 29.22 -3.81
C LYS A 291 -31.67 30.12 -4.35
N PHE A 315 -19.43 16.40 -17.50
CA PHE A 315 -18.73 15.13 -17.29
C PHE A 315 -19.66 14.09 -16.67
N ILE A 316 -19.85 12.98 -17.38
CA ILE A 316 -20.74 11.88 -16.98
C ILE A 316 -22.19 12.33 -16.82
N LEU A 317 -22.97 12.14 -17.90
CA LEU A 317 -24.38 12.49 -17.94
C LEU A 317 -25.18 11.28 -18.38
N PRO A 318 -26.41 11.11 -17.85
CA PRO A 318 -27.20 9.92 -18.18
C PRO A 318 -27.78 9.96 -19.59
N LYS A 319 -27.51 8.91 -20.37
CA LYS A 319 -28.05 8.75 -21.71
C LYS A 319 -29.36 7.97 -21.62
N GLY A 320 -30.44 8.68 -21.28
CA GLY A 320 -31.73 8.05 -21.03
C GLY A 320 -31.77 7.42 -19.65
N VAL A 321 -32.43 6.27 -19.55
CA VAL A 321 -32.53 5.54 -18.28
C VAL A 321 -31.74 4.23 -18.38
N GLY A 322 -30.76 4.08 -17.49
CA GLY A 322 -29.94 2.88 -17.42
C GLY A 322 -28.65 2.93 -18.23
N ALA A 323 -28.30 4.13 -18.71
CA ALA A 323 -27.08 4.34 -19.50
C ALA A 323 -26.46 5.71 -19.24
N PHE A 324 -25.18 5.83 -19.55
CA PHE A 324 -24.43 7.08 -19.33
C PHE A 324 -23.52 7.42 -20.51
N GLU A 325 -23.10 8.67 -20.59
CA GLU A 325 -22.15 9.14 -21.60
C GLU A 325 -21.16 10.14 -21.00
N VAL A 326 -19.91 10.05 -21.43
CA VAL A 326 -18.86 10.96 -20.97
C VAL A 326 -18.80 12.19 -21.88
N ALA A 327 -19.13 13.34 -21.31
CA ALA A 327 -19.10 14.61 -22.04
C ALA A 327 -17.99 15.51 -21.53
N SER A 328 -17.00 15.77 -22.39
CA SER A 328 -15.81 16.52 -22.01
C SER A 328 -15.67 17.85 -22.74
N HIS A 329 -16.25 17.95 -23.94
CA HIS A 329 -16.12 19.14 -24.77
C HIS A 329 -17.41 19.98 -24.81
N ILE A 330 -17.97 20.23 -23.63
CA ILE A 330 -19.16 21.07 -23.50
C ILE A 330 -18.74 22.54 -23.39
N PRO A 331 -19.28 23.40 -24.28
CA PRO A 331 -18.99 24.83 -24.24
C PRO A 331 -19.36 25.48 -22.91
N LYS A 332 -18.60 26.51 -22.52
CA LYS A 332 -18.81 27.20 -21.24
C LYS A 332 -20.19 27.85 -21.16
N GLU A 333 -20.69 28.34 -22.30
CA GLU A 333 -22.00 28.97 -22.40
C GLU A 333 -23.14 28.04 -21.98
N THR A 334 -23.01 26.78 -22.34
CA THR A 334 -24.00 25.74 -21.99
C THR A 334 -23.93 25.43 -20.50
N ILE A 335 -22.72 25.34 -19.95
CA ILE A 335 -22.49 25.07 -18.53
C ILE A 335 -23.01 26.22 -17.66
N ILE A 336 -22.76 27.45 -18.10
CA ILE A 336 -23.25 28.65 -17.41
C ILE A 336 -24.78 28.75 -17.48
N LYS A 337 -25.35 28.25 -18.58
CA LYS A 337 -26.80 28.21 -18.75
C LYS A 337 -27.46 27.14 -17.88
N VAL A 338 -26.69 26.08 -17.58
CA VAL A 338 -27.12 25.05 -16.61
C VAL A 338 -27.11 25.65 -15.20
N LEU A 339 -26.08 26.45 -14.92
CA LEU A 339 -26.05 27.29 -13.74
C LEU A 339 -27.10 28.40 -13.91
N GLU A 340 -27.26 29.25 -12.89
CA GLU A 340 -28.34 30.25 -12.86
C GLU A 340 -29.70 29.58 -12.58
N LYS A 341 -29.66 28.27 -12.31
CA LYS A 341 -30.76 27.50 -11.71
C LYS A 341 -31.94 27.11 -12.61
N TRP A 342 -31.68 26.95 -13.91
CA TRP A 342 -32.71 26.46 -14.86
C TRP A 342 -32.10 25.53 -15.91
N HIS A 343 -32.70 24.37 -16.18
CA HIS A 343 -33.96 23.90 -15.58
C HIS A 343 -33.78 23.56 -14.10
N ILE B 4 25.77 -1.85 -21.91
CA ILE B 4 24.52 -1.78 -21.09
C ILE B 4 23.83 -3.15 -21.02
N LEU B 5 23.68 -3.66 -19.80
CA LEU B 5 23.02 -4.95 -19.58
C LEU B 5 21.62 -4.74 -18.99
N ILE B 6 20.65 -5.46 -19.53
CA ILE B 6 19.25 -5.32 -19.11
C ILE B 6 18.63 -6.64 -18.60
N PRO B 7 18.75 -6.90 -17.28
CA PRO B 7 18.09 -8.07 -16.68
C PRO B 7 16.57 -7.88 -16.58
N LEU B 8 15.83 -8.91 -16.99
CA LEU B 8 14.36 -8.90 -16.94
C LEU B 8 13.86 -9.63 -15.68
N LYS B 9 12.59 -9.39 -15.35
CA LYS B 9 11.96 -10.04 -14.19
C LYS B 9 10.63 -10.72 -14.56
N GLU B 10 9.61 -10.59 -13.71
CA GLU B 10 8.37 -11.36 -13.87
C GLU B 10 7.08 -10.53 -13.70
N LYS B 11 6.51 -10.02 -14.79
CA LYS B 11 7.14 -10.03 -16.11
C LYS B 11 7.63 -8.62 -16.44
N ASN B 12 7.27 -7.69 -15.56
CA ASN B 12 7.96 -6.41 -15.41
C ASN B 12 9.16 -6.71 -14.52
N TYR B 13 10.16 -5.81 -14.43
CA TYR B 13 10.27 -4.56 -15.18
C TYR B 13 11.62 -4.60 -15.91
N LYS B 14 12.38 -3.50 -15.86
CA LYS B 14 13.71 -3.48 -16.48
C LYS B 14 14.77 -2.81 -15.62
N VAL B 15 15.79 -3.60 -15.27
CA VAL B 15 16.98 -3.09 -14.60
C VAL B 15 17.99 -2.67 -15.67
N PHE B 16 18.72 -1.59 -15.41
CA PHE B 16 19.68 -1.06 -16.37
C PHE B 16 21.08 -0.92 -15.77
N LEU B 17 21.95 -1.89 -16.08
CA LEU B 17 23.35 -1.84 -15.66
C LEU B 17 24.16 -0.94 -16.58
N GLY B 18 25.11 -0.21 -16.01
CA GLY B 18 25.97 0.70 -16.78
C GLY B 18 25.67 2.15 -16.52
N GLU B 19 26.16 3.01 -17.41
CA GLU B 19 25.99 4.46 -17.29
C GLU B 19 24.51 4.87 -17.36
N LEU B 20 24.13 5.84 -16.52
CA LEU B 20 22.77 6.37 -16.49
C LEU B 20 22.44 7.04 -17.83
N PRO B 21 21.36 6.57 -18.50
CA PRO B 21 20.96 7.13 -19.78
C PRO B 21 20.12 8.40 -19.63
N GLU B 22 19.86 9.08 -20.75
CA GLU B 22 19.03 10.28 -20.77
C GLU B 22 17.56 9.93 -20.54
N ILE B 23 17.05 10.28 -19.36
CA ILE B 23 15.68 9.97 -18.97
C ILE B 23 14.71 11.04 -19.49
N LYS B 24 13.79 10.61 -20.35
CA LYS B 24 12.77 11.50 -20.90
C LYS B 24 11.41 11.23 -20.27
N LEU B 25 10.82 12.27 -19.69
CA LEU B 25 9.53 12.16 -19.01
C LEU B 25 8.54 13.21 -19.52
N LYS B 26 7.27 12.82 -19.58
CA LYS B 26 6.22 13.72 -20.05
C LYS B 26 5.33 14.21 -18.90
N GLN B 27 5.73 13.85 -17.67
CA GLN B 27 5.05 14.31 -16.46
C GLN B 27 6.01 14.86 -15.43
N LYS B 28 5.47 15.52 -14.40
CA LYS B 28 6.26 16.11 -13.32
C LYS B 28 6.91 15.04 -12.45
N ALA B 29 8.14 15.31 -12.01
CA ALA B 29 8.91 14.36 -11.22
C ALA B 29 9.48 14.98 -9.96
N LEU B 30 9.48 14.21 -8.87
CA LEU B 30 10.04 14.63 -7.59
C LEU B 30 11.22 13.73 -7.22
N ILE B 31 12.41 14.32 -7.14
CA ILE B 31 13.61 13.60 -6.75
C ILE B 31 13.79 13.64 -5.23
N ILE B 32 13.92 12.46 -4.62
CA ILE B 32 14.17 12.35 -3.20
C ILE B 32 15.55 11.75 -2.96
N SER B 33 16.40 12.48 -2.22
CA SER B 33 17.76 12.06 -1.92
C SER B 33 18.11 12.37 -0.47
N ASP B 34 19.31 12.00 -0.05
CA ASP B 34 19.80 12.36 1.29
C ASP B 34 20.87 13.45 1.24
N SER B 35 21.23 13.99 2.41
CA SER B 35 22.17 15.11 2.52
C SER B 35 23.54 14.86 1.89
N ILE B 36 24.02 13.62 1.98
CA ILE B 36 25.33 13.25 1.44
C ILE B 36 25.28 13.02 -0.07
N VAL B 37 24.29 12.26 -0.53
CA VAL B 37 24.14 11.92 -1.95
C VAL B 37 23.82 13.14 -2.83
N ALA B 38 22.99 14.04 -2.31
CA ALA B 38 22.58 15.25 -3.03
C ALA B 38 23.75 16.20 -3.31
N GLY B 39 24.78 16.14 -2.47
CA GLY B 39 25.98 16.96 -2.65
C GLY B 39 27.08 16.27 -3.42
N LEU B 40 26.75 15.14 -4.06
CA LEU B 40 27.72 14.35 -4.80
C LEU B 40 27.20 13.86 -6.16
N HIS B 41 25.94 13.42 -6.19
CA HIS B 41 25.40 12.73 -7.37
C HIS B 41 24.10 13.32 -7.94
N LEU B 42 23.63 14.42 -7.37
CA LEU B 42 22.44 15.09 -7.88
C LEU B 42 22.68 15.86 -9.20
N PRO B 43 23.87 16.47 -9.37
CA PRO B 43 24.22 17.02 -10.69
C PRO B 43 24.29 15.96 -11.79
N TYR B 44 24.64 14.74 -11.41
CA TYR B 44 24.73 13.62 -12.36
C TYR B 44 23.36 13.19 -12.88
N LEU B 45 22.35 13.28 -12.01
CA LEU B 45 20.98 12.90 -12.37
C LEU B 45 20.25 14.01 -13.13
N LEU B 46 20.38 15.24 -12.65
CA LEU B 46 19.73 16.40 -13.28
C LEU B 46 20.35 16.79 -14.62
N GLU B 47 21.52 16.23 -14.92
CA GLU B 47 22.20 16.42 -16.20
C GLU B 47 21.54 15.57 -17.28
N ARG B 48 20.86 14.50 -16.87
CA ARG B 48 20.29 13.52 -17.79
C ARG B 48 18.75 13.46 -17.74
N LEU B 49 18.16 14.19 -16.80
CA LEU B 49 16.71 14.16 -16.59
C LEU B 49 15.99 15.26 -17.35
N LYS B 50 14.89 14.88 -18.02
CA LYS B 50 14.02 15.82 -18.73
C LYS B 50 12.57 15.54 -18.39
N ALA B 51 11.89 16.54 -17.82
CA ALA B 51 10.49 16.39 -17.39
C ALA B 51 9.73 17.71 -17.45
N LEU B 52 8.44 17.68 -17.10
CA LEU B 52 7.61 18.88 -17.03
C LEU B 52 8.10 19.84 -15.94
N GLU B 53 8.19 19.33 -14.71
CA GLU B 53 8.69 20.10 -13.58
C GLU B 53 9.42 19.18 -12.60
N VAL B 54 10.64 19.59 -12.24
CA VAL B 54 11.49 18.80 -11.34
C VAL B 54 11.79 19.56 -10.05
N ARG B 55 11.41 18.95 -8.92
CA ARG B 55 11.71 19.49 -7.59
C ARG B 55 12.42 18.45 -6.73
N VAL B 56 13.26 18.93 -5.82
CA VAL B 56 14.09 18.03 -4.99
C VAL B 56 13.67 18.09 -3.51
N CYS B 57 13.50 16.91 -2.91
CA CYS B 57 13.26 16.77 -1.49
C CYS B 57 14.42 16.00 -0.85
N VAL B 58 15.03 16.59 0.17
CA VAL B 58 16.20 16.00 0.81
C VAL B 58 15.94 15.58 2.26
N ILE B 59 16.12 14.29 2.53
CA ILE B 59 16.05 13.73 3.88
C ILE B 59 17.47 13.71 4.45
N GLU B 60 17.58 13.89 5.77
CA GLU B 60 18.87 13.82 6.45
C GLU B 60 19.42 12.40 6.43
N SER B 61 20.74 12.28 6.24
CA SER B 61 21.42 10.99 6.13
C SER B 61 21.40 10.21 7.44
N GLY B 62 21.09 8.92 7.35
CA GLY B 62 21.08 8.04 8.52
C GLY B 62 19.92 7.06 8.55
N GLU B 63 20.09 5.99 9.33
CA GLU B 63 19.07 4.97 9.52
C GLU B 63 17.95 5.48 10.44
N LYS B 64 18.30 6.39 11.35
CA LYS B 64 17.36 6.96 12.31
C LYS B 64 16.31 7.88 11.69
N TYR B 65 16.55 8.29 10.45
CA TYR B 65 15.62 9.14 9.70
C TYR B 65 14.64 8.34 8.85
N LYS B 66 14.72 7.02 8.93
CA LYS B 66 13.79 6.13 8.24
C LYS B 66 12.53 5.95 9.08
N ASN B 67 11.67 6.95 9.07
CA ASN B 67 10.45 6.97 9.88
C ASN B 67 9.28 7.66 9.20
N PHE B 68 8.19 7.87 9.93
CA PHE B 68 7.01 8.57 9.42
C PHE B 68 7.29 10.04 9.14
N HIS B 69 8.10 10.68 9.98
CA HIS B 69 8.40 12.11 9.87
C HIS B 69 9.04 12.46 8.53
N SER B 70 9.96 11.62 8.07
CA SER B 70 10.60 11.79 6.77
C SER B 70 9.66 11.38 5.63
N LEU B 71 8.85 10.36 5.89
CA LEU B 71 7.85 9.89 4.93
C LEU B 71 6.79 10.96 4.66
N GLU B 72 6.39 11.67 5.72
CA GLU B 72 5.43 12.77 5.63
C GLU B 72 6.00 13.92 4.80
N ARG B 73 7.30 14.17 4.95
CA ARG B 73 7.99 15.22 4.20
C ARG B 73 8.05 14.92 2.70
N ILE B 74 8.26 13.65 2.36
CA ILE B 74 8.27 13.20 0.96
C ILE B 74 6.88 13.36 0.35
N LEU B 75 5.85 13.01 1.13
CA LEU B 75 4.46 13.15 0.70
C LEU B 75 4.06 14.62 0.56
N ASN B 76 4.46 15.45 1.52
CA ASN B 76 4.16 16.88 1.51
C ASN B 76 4.81 17.62 0.33
N ASN B 77 6.04 17.24 0.00
CA ASN B 77 6.73 17.77 -1.18
C ASN B 77 6.04 17.40 -2.49
N ALA B 78 5.43 16.22 -2.49
CA ALA B 78 4.64 15.76 -3.63
C ALA B 78 3.31 16.52 -3.74
N PHE B 79 2.75 16.88 -2.59
CA PHE B 79 1.53 17.68 -2.53
C PHE B 79 1.77 19.14 -2.88
N GLU B 80 2.94 19.66 -2.52
CA GLU B 80 3.29 21.06 -2.75
C GLU B 80 3.47 21.41 -4.23
N MET B 81 4.06 20.50 -4.99
CA MET B 81 4.23 20.68 -6.43
C MET B 81 3.06 20.11 -7.23
N GLN B 82 2.03 19.65 -6.50
CA GLN B 82 0.80 19.11 -7.07
C GLN B 82 1.03 17.92 -8.01
N LEU B 83 1.56 16.83 -7.45
CA LEU B 83 1.72 15.59 -8.19
C LEU B 83 0.41 14.80 -8.21
N ASN B 84 0.13 14.15 -9.33
CA ASN B 84 -1.08 13.35 -9.48
C ASN B 84 -0.79 11.87 -9.75
N ARG B 85 -1.79 11.15 -10.26
CA ARG B 85 -1.67 9.71 -10.53
C ARG B 85 -0.69 9.36 -11.65
N HIS B 86 -0.38 10.35 -12.50
CA HIS B 86 0.53 10.15 -13.62
C HIS B 86 1.97 10.58 -13.33
N SER B 87 2.19 11.10 -12.11
CA SER B 87 3.49 11.62 -11.70
C SER B 87 4.49 10.53 -11.34
N LEU B 88 5.75 10.94 -11.15
CA LEU B 88 6.84 10.01 -10.84
C LEU B 88 7.67 10.49 -9.64
N MET B 89 8.11 9.53 -8.82
CA MET B 89 9.05 9.80 -7.74
C MET B 89 10.39 9.15 -8.05
N ILE B 90 11.48 9.88 -7.83
CA ILE B 90 12.82 9.38 -8.13
C ILE B 90 13.64 9.22 -6.85
N ALA B 91 14.11 8.01 -6.61
CA ALA B 91 14.91 7.70 -5.42
C ALA B 91 16.40 7.65 -5.76
N LEU B 92 17.13 8.68 -5.32
CA LEU B 92 18.57 8.74 -5.52
C LEU B 92 19.28 8.60 -4.17
N GLY B 93 19.56 7.36 -3.80
CA GLY B 93 20.21 7.06 -2.52
C GLY B 93 20.34 5.57 -2.27
N GLY B 94 20.61 5.22 -1.01
CA GLY B 94 20.78 3.82 -0.61
C GLY B 94 19.48 3.08 -0.42
N GLY B 95 19.50 2.10 0.48
CA GLY B 95 18.32 1.30 0.79
C GLY B 95 17.28 2.03 1.62
N VAL B 96 17.74 2.99 2.42
CA VAL B 96 16.87 3.81 3.28
C VAL B 96 15.98 4.71 2.44
N ILE B 97 16.56 5.33 1.41
CA ILE B 97 15.83 6.21 0.50
C ILE B 97 14.83 5.43 -0.36
N SER B 98 15.31 4.35 -0.99
CA SER B 98 14.50 3.53 -1.89
C SER B 98 13.28 2.89 -1.21
N ASP B 99 13.42 2.54 0.06
CA ASP B 99 12.32 1.97 0.84
C ASP B 99 11.28 3.04 1.23
N MET B 100 11.75 4.24 1.55
CA MET B 100 10.87 5.35 1.92
C MET B 100 10.11 5.91 0.73
N VAL B 101 10.82 6.10 -0.39
CA VAL B 101 10.24 6.63 -1.62
C VAL B 101 9.21 5.65 -2.21
N GLY B 102 9.58 4.37 -2.22
CA GLY B 102 8.70 3.31 -2.73
C GLY B 102 7.42 3.15 -1.93
N PHE B 103 7.52 3.35 -0.61
CA PHE B 103 6.36 3.30 0.27
C PHE B 103 5.53 4.59 0.19
N ALA B 104 6.21 5.72 -0.06
CA ALA B 104 5.54 7.01 -0.23
C ALA B 104 4.76 7.07 -1.55
N SER B 105 5.35 6.50 -2.60
CA SER B 105 4.72 6.48 -3.92
C SER B 105 3.55 5.49 -3.99
N SER B 106 3.61 4.44 -3.17
CA SER B 106 2.56 3.42 -3.12
C SER B 106 1.28 3.93 -2.48
N ILE B 107 1.42 4.90 -1.58
CA ILE B 107 0.27 5.43 -0.83
C ILE B 107 -0.21 6.80 -1.34
N TYR B 108 0.64 7.49 -2.09
CA TYR B 108 0.30 8.79 -2.68
C TYR B 108 -0.65 8.60 -3.86
N PHE B 109 -1.85 9.17 -3.75
CA PHE B 109 -2.94 8.99 -4.73
C PHE B 109 -3.24 7.51 -4.99
N ARG B 110 -3.15 6.71 -3.93
CA ARG B 110 -3.39 5.26 -3.96
C ARG B 110 -2.40 4.46 -4.83
N GLY B 111 -1.32 5.11 -5.24
CA GLY B 111 -0.28 4.44 -6.02
C GLY B 111 0.18 5.20 -7.26
N ILE B 112 1.43 5.66 -7.24
CA ILE B 112 2.05 6.33 -8.39
C ILE B 112 3.39 5.68 -8.72
N ASP B 113 3.84 5.83 -9.97
CA ASP B 113 5.09 5.24 -10.45
C ASP B 113 6.31 5.84 -9.75
N PHE B 114 7.31 4.99 -9.49
CA PHE B 114 8.59 5.45 -8.95
C PHE B 114 9.78 4.71 -9.56
N ILE B 115 10.91 5.41 -9.64
CA ILE B 115 12.12 4.86 -10.25
C ILE B 115 13.28 4.85 -9.26
N ASN B 116 13.90 3.68 -9.10
CA ASN B 116 15.05 3.50 -8.20
C ASN B 116 16.38 3.71 -8.90
N ILE B 117 17.21 4.58 -8.33
CA ILE B 117 18.60 4.74 -8.75
C ILE B 117 19.51 4.58 -7.53
N PRO B 118 19.84 3.33 -7.17
CA PRO B 118 20.66 3.01 -5.99
C PRO B 118 22.09 3.54 -6.08
N THR B 119 22.62 3.99 -4.95
CA THR B 119 23.98 4.54 -4.90
C THR B 119 24.95 3.64 -4.12
N THR B 120 24.46 3.04 -3.04
CA THR B 120 25.26 2.10 -2.25
C THR B 120 25.36 0.74 -2.95
N LEU B 121 26.34 -0.06 -2.52
CA LEU B 121 26.55 -1.39 -3.07
C LEU B 121 25.41 -2.33 -2.66
N LEU B 122 24.96 -2.20 -1.41
CA LEU B 122 23.87 -3.02 -0.86
C LEU B 122 22.55 -2.78 -1.58
N ALA B 123 22.25 -1.52 -1.89
CA ALA B 123 21.00 -1.16 -2.57
C ALA B 123 20.96 -1.65 -4.02
N GLN B 124 22.12 -1.68 -4.67
CA GLN B 124 22.24 -2.17 -6.05
C GLN B 124 22.03 -3.67 -6.15
N VAL B 125 22.48 -4.40 -5.13
CA VAL B 125 22.45 -5.87 -5.15
C VAL B 125 21.23 -6.49 -4.47
N ASP B 126 20.50 -5.68 -3.68
CA ASP B 126 19.42 -6.20 -2.84
C ASP B 126 18.19 -5.29 -2.74
N ALA B 127 18.40 -4.06 -2.26
CA ALA B 127 17.29 -3.19 -1.84
C ALA B 127 16.42 -2.61 -2.96
N SER B 128 17.03 -2.30 -4.10
CA SER B 128 16.30 -1.74 -5.25
C SER B 128 15.50 -2.79 -6.02
N VAL B 129 15.76 -4.07 -5.72
CA VAL B 129 15.10 -5.18 -6.40
C VAL B 129 14.09 -5.86 -5.47
N GLY B 130 12.86 -6.03 -5.96
CA GLY B 130 11.83 -6.76 -5.22
C GLY B 130 10.54 -5.97 -5.00
N GLY B 131 10.68 -4.68 -4.77
CA GLY B 131 9.53 -3.82 -4.48
C GLY B 131 9.15 -3.82 -3.01
N LYS B 132 10.00 -4.44 -2.18
CA LYS B 132 9.78 -4.50 -0.74
C LYS B 132 10.16 -3.17 -0.09
N THR B 133 9.14 -2.41 0.29
CA THR B 133 9.33 -1.06 0.84
C THR B 133 8.78 -0.96 2.27
N GLY B 134 9.26 0.04 3.00
CA GLY B 134 8.80 0.27 4.37
C GLY B 134 9.57 1.31 5.17
N ILE B 135 9.07 1.58 6.37
CA ILE B 135 9.70 2.51 7.32
C ILE B 135 9.80 1.88 8.70
N ASN B 136 10.68 2.44 9.55
CA ASN B 136 10.86 1.94 10.91
C ASN B 136 9.89 2.56 11.92
N THR B 137 9.48 1.76 12.90
CA THR B 137 8.54 2.17 13.94
C THR B 137 9.12 1.92 15.33
N PRO B 138 8.57 2.60 16.37
CA PRO B 138 8.99 2.35 17.76
C PRO B 138 8.85 0.88 18.19
N TYR B 139 8.05 0.11 17.47
CA TYR B 139 7.85 -1.32 17.75
C TYR B 139 8.87 -2.22 17.05
N GLY B 140 9.52 -1.68 16.02
CA GLY B 140 10.54 -2.43 15.29
C GLY B 140 10.81 -1.90 13.88
N LYS B 141 11.81 -2.47 13.23
CA LYS B 141 12.23 -2.04 11.89
C LYS B 141 11.42 -2.73 10.79
N ASN B 142 11.05 -1.94 9.78
CA ASN B 142 10.35 -2.42 8.58
C ASN B 142 9.07 -3.22 8.85
N LEU B 143 8.25 -2.71 9.77
CA LEU B 143 6.99 -3.36 10.13
C LEU B 143 5.78 -2.68 9.49
N ILE B 144 5.98 -1.45 9.01
CA ILE B 144 4.95 -0.73 8.25
C ILE B 144 5.48 -0.44 6.84
N GLY B 145 4.88 -1.10 5.86
CA GLY B 145 5.29 -0.94 4.46
C GLY B 145 4.30 -1.51 3.46
N SER B 146 4.77 -1.71 2.23
CA SER B 146 3.94 -2.25 1.15
C SER B 146 4.79 -2.87 0.04
N PHE B 147 4.17 -3.74 -0.75
CA PHE B 147 4.81 -4.31 -1.94
C PHE B 147 4.47 -3.47 -3.17
N HIS B 148 5.43 -2.67 -3.61
CA HIS B 148 5.22 -1.76 -4.74
C HIS B 148 6.43 -1.78 -5.68
N GLN B 149 6.22 -2.34 -6.86
CA GLN B 149 7.29 -2.52 -7.84
C GLN B 149 7.64 -1.23 -8.57
N PRO B 150 8.95 -0.89 -8.66
CA PRO B 150 9.40 0.28 -9.40
C PRO B 150 9.21 0.14 -10.91
N LYS B 151 9.08 1.28 -11.60
CA LYS B 151 8.92 1.31 -13.04
C LYS B 151 10.19 0.85 -13.75
N ALA B 152 11.33 1.35 -13.29
CA ALA B 152 12.64 0.98 -13.81
C ALA B 152 13.72 1.19 -12.76
N VAL B 153 14.73 0.31 -12.77
CA VAL B 153 15.87 0.44 -11.86
C VAL B 153 17.13 0.73 -12.66
N TYR B 154 17.84 1.79 -12.29
CA TYR B 154 19.08 2.18 -12.96
C TYR B 154 20.28 2.00 -12.04
N MET B 155 21.17 1.09 -12.42
CA MET B 155 22.36 0.78 -11.62
C MET B 155 23.63 1.23 -12.32
N ASP B 156 24.27 2.24 -11.74
CA ASP B 156 25.51 2.80 -12.30
C ASP B 156 26.66 2.65 -11.31
N LEU B 157 27.78 2.16 -11.83
CA LEU B 157 28.98 1.91 -11.01
C LEU B 157 29.71 3.21 -10.63
N ALA B 158 29.29 4.32 -11.22
CA ALA B 158 29.88 5.64 -10.96
C ALA B 158 29.55 6.16 -9.57
N PHE B 159 28.39 5.77 -9.04
CA PHE B 159 27.94 6.19 -7.71
C PHE B 159 28.71 5.47 -6.59
N LEU B 160 29.27 4.30 -6.91
CA LEU B 160 29.96 3.46 -5.94
C LEU B 160 31.35 3.98 -5.57
N LYS B 161 31.91 4.83 -6.43
CA LYS B 161 33.27 5.35 -6.26
C LYS B 161 33.42 6.33 -5.09
N THR B 162 32.34 7.03 -4.76
CA THR B 162 32.34 8.02 -3.69
C THR B 162 32.09 7.41 -2.30
N LEU B 163 31.69 6.14 -2.28
CA LEU B 163 31.41 5.42 -1.04
C LEU B 163 32.65 5.24 -0.17
N GLU B 164 32.46 5.33 1.14
CA GLU B 164 33.52 5.06 2.10
C GLU B 164 33.83 3.56 2.11
N LYS B 165 35.10 3.22 2.30
CA LYS B 165 35.56 1.83 2.22
C LYS B 165 34.87 0.89 3.20
N ARG B 166 34.54 1.42 4.39
CA ARG B 166 33.82 0.66 5.41
C ARG B 166 32.38 0.37 4.98
N GLU B 167 31.77 1.34 4.30
CA GLU B 167 30.43 1.17 3.74
C GLU B 167 30.43 0.27 2.51
N PHE B 168 31.55 0.30 1.78
CA PHE B 168 31.74 -0.53 0.59
C PHE B 168 31.90 -1.99 0.96
N GLN B 169 32.75 -2.26 1.95
CA GLN B 169 33.02 -3.62 2.42
C GLN B 169 31.82 -4.25 3.11
N ALA B 170 30.97 -3.41 3.71
CA ALA B 170 29.72 -3.85 4.32
C ALA B 170 28.75 -4.39 3.27
N GLY B 171 28.80 -3.79 2.07
CA GLY B 171 28.03 -4.26 0.93
C GLY B 171 28.60 -5.54 0.32
N VAL B 172 29.92 -5.68 0.40
CA VAL B 172 30.63 -6.87 -0.08
C VAL B 172 30.26 -8.10 0.75
N ALA B 173 30.13 -7.91 2.06
CA ALA B 173 29.73 -8.97 2.98
C ALA B 173 28.31 -9.49 2.67
N GLU B 174 27.49 -8.62 2.10
CA GLU B 174 26.13 -8.98 1.69
C GLU B 174 26.11 -9.74 0.36
N ILE B 175 27.13 -9.50 -0.47
CA ILE B 175 27.30 -10.22 -1.74
C ILE B 175 27.72 -11.66 -1.49
N ILE B 176 28.69 -11.85 -0.60
CA ILE B 176 29.16 -13.17 -0.20
C ILE B 176 28.02 -13.95 0.48
N LYS B 177 27.21 -13.25 1.26
CA LYS B 177 26.03 -13.82 1.91
C LYS B 177 25.08 -14.45 0.90
N MET B 178 24.82 -13.75 -0.21
CA MET B 178 23.97 -14.24 -1.28
C MET B 178 24.65 -15.33 -2.11
N ALA B 179 25.97 -15.25 -2.20
CA ALA B 179 26.77 -16.22 -2.96
C ALA B 179 26.82 -17.58 -2.29
N VAL B 180 27.01 -17.58 -0.96
CA VAL B 180 27.12 -18.81 -0.18
C VAL B 180 25.80 -19.60 -0.14
N CYS B 181 24.68 -18.92 -0.33
CA CYS B 181 23.36 -19.55 -0.24
C CYS B 181 22.66 -19.81 -1.57
N PHE B 182 23.13 -19.16 -2.65
CA PHE B 182 22.45 -19.28 -3.94
C PHE B 182 23.37 -19.68 -5.11
N ASP B 183 24.45 -18.94 -5.31
CA ASP B 183 25.30 -19.13 -6.49
C ASP B 183 26.73 -19.55 -6.17
N LYS B 184 27.07 -20.78 -6.56
CA LYS B 184 28.42 -21.31 -6.39
C LYS B 184 29.41 -20.63 -7.33
N ASN B 185 28.92 -20.19 -8.49
CA ASN B 185 29.74 -19.51 -9.49
C ASN B 185 30.22 -18.12 -9.06
N LEU B 186 29.41 -17.44 -8.25
CA LEU B 186 29.77 -16.13 -7.70
C LEU B 186 30.84 -16.27 -6.61
N VAL B 187 30.78 -17.37 -5.85
CA VAL B 187 31.80 -17.69 -4.85
C VAL B 187 33.15 -17.88 -5.54
N GLU B 188 33.15 -18.66 -6.63
CA GLU B 188 34.36 -18.94 -7.41
C GLU B 188 34.98 -17.68 -8.02
N ARG B 189 34.13 -16.72 -8.37
CA ARG B 189 34.58 -15.44 -8.91
C ARG B 189 35.21 -14.57 -7.81
N LEU B 190 34.60 -14.55 -6.64
CA LEU B 190 35.11 -13.79 -5.50
C LEU B 190 36.37 -14.40 -4.90
N GLU B 191 36.54 -15.72 -5.08
CA GLU B 191 37.70 -16.44 -4.58
C GLU B 191 38.95 -16.23 -5.44
N THR B 192 38.76 -16.17 -6.75
CA THR B 192 39.88 -16.11 -7.70
C THR B 192 40.13 -14.70 -8.24
N LYS B 193 39.08 -14.04 -8.72
CA LYS B 193 39.20 -12.73 -9.36
C LYS B 193 39.17 -11.58 -8.37
N ASP B 194 39.94 -10.54 -8.68
CA ASP B 194 39.96 -9.31 -7.89
C ASP B 194 38.70 -8.49 -8.18
N LEU B 195 38.11 -7.94 -7.11
CA LEU B 195 36.83 -7.22 -7.21
C LEU B 195 36.93 -5.93 -8.03
N LYS B 196 38.11 -5.31 -8.00
CA LYS B 196 38.37 -4.08 -8.77
C LYS B 196 38.36 -4.32 -10.28
N ASP B 197 38.63 -5.56 -10.68
CA ASP B 197 38.69 -5.93 -12.09
C ASP B 197 37.35 -6.47 -12.63
N CYS B 198 36.50 -6.96 -11.75
CA CYS B 198 35.24 -7.58 -12.15
C CYS B 198 34.02 -7.12 -11.35
N LEU B 199 34.03 -5.86 -10.93
CA LEU B 199 32.92 -5.27 -10.16
C LEU B 199 31.59 -5.33 -10.92
N GLU B 200 31.65 -5.11 -12.23
CA GLU B 200 30.47 -5.15 -13.09
C GLU B 200 29.87 -6.56 -13.20
N GLU B 201 30.73 -7.56 -13.25
CA GLU B 201 30.32 -8.97 -13.34
C GLU B 201 29.76 -9.50 -12.02
N VAL B 202 30.27 -8.97 -10.91
CA VAL B 202 29.83 -9.37 -9.56
C VAL B 202 28.41 -8.89 -9.29
N ILE B 203 28.13 -7.62 -9.58
CA ILE B 203 26.81 -7.04 -9.39
C ILE B 203 25.77 -7.70 -10.31
N PHE B 204 26.15 -7.93 -11.56
CA PHE B 204 25.28 -8.59 -12.54
C PHE B 204 24.80 -9.96 -12.08
N GLN B 205 25.71 -10.72 -11.46
CA GLN B 205 25.38 -12.04 -10.91
C GLN B 205 24.56 -11.91 -9.62
N SER B 206 24.83 -10.86 -8.84
CA SER B 206 24.14 -10.61 -7.58
C SER B 206 22.69 -10.17 -7.78
N VAL B 207 22.45 -9.43 -8.86
CA VAL B 207 21.10 -8.97 -9.22
C VAL B 207 20.24 -10.15 -9.70
N ASN B 208 20.84 -11.01 -10.52
CA ASN B 208 20.17 -12.21 -11.04
C ASN B 208 19.78 -13.21 -9.95
N ILE B 209 20.51 -13.19 -8.84
CA ILE B 209 20.16 -13.98 -7.65
C ILE B 209 18.88 -13.45 -7.02
N LYS B 210 18.83 -12.14 -6.79
CA LYS B 210 17.67 -11.48 -6.20
C LYS B 210 16.47 -11.45 -7.14
N ALA B 211 16.74 -11.44 -8.45
CA ALA B 211 15.69 -11.50 -9.47
C ALA B 211 15.00 -12.86 -9.48
N GLN B 212 15.79 -13.92 -9.31
CA GLN B 212 15.25 -15.29 -9.21
C GLN B 212 14.60 -15.53 -7.86
N VAL B 213 15.05 -14.80 -6.85
CA VAL B 213 14.46 -14.85 -5.50
C VAL B 213 13.04 -14.25 -5.52
N VAL B 214 12.90 -13.09 -6.17
CA VAL B 214 11.62 -12.41 -6.28
C VAL B 214 10.90 -12.82 -7.56
N ARG B 224 13.75 -16.02 -0.97
CA ARG B 224 13.26 -15.00 -0.06
C ARG B 224 13.86 -15.20 1.33
N ALA B 225 13.46 -16.29 1.98
CA ALA B 225 14.14 -16.76 3.19
C ALA B 225 15.43 -17.44 2.74
N GLY B 226 16.56 -16.87 3.15
CA GLY B 226 17.87 -17.28 2.64
C GLY B 226 18.77 -16.07 2.55
N LEU B 227 18.16 -14.93 2.26
CA LEU B 227 18.83 -13.63 2.33
C LEU B 227 18.99 -13.22 3.79
N ASN B 228 18.35 -13.98 4.69
CA ASN B 228 18.47 -13.79 6.12
C ASN B 228 19.57 -14.67 6.73
N TYR B 229 20.58 -14.98 5.92
CA TYR B 229 21.73 -15.76 6.38
C TYR B 229 22.67 -14.90 7.21
N GLY B 230 22.80 -15.27 8.49
CA GLY B 230 23.59 -14.50 9.44
C GLY B 230 22.85 -13.29 9.98
N HIS B 231 21.53 -13.29 9.83
CA HIS B 231 20.68 -12.18 10.26
C HIS B 231 20.11 -12.39 11.66
N THR B 232 19.88 -13.66 12.02
CA THR B 232 19.37 -14.01 13.35
C THR B 232 20.41 -13.70 14.43
N PHE B 233 21.67 -14.02 14.14
CA PHE B 233 22.77 -13.70 15.03
C PHE B 233 23.19 -12.23 14.87
N GLY B 234 23.14 -11.75 13.63
CA GLY B 234 23.51 -10.36 13.30
C GLY B 234 22.60 -9.32 13.91
N HIS B 235 21.30 -9.64 13.99
CA HIS B 235 20.31 -8.80 14.66
C HIS B 235 20.58 -8.70 16.16
N ALA B 236 21.00 -9.82 16.74
CA ALA B 236 21.32 -9.90 18.18
C ALA B 236 22.56 -9.10 18.54
N ILE B 237 23.54 -9.05 17.63
CA ILE B 237 24.76 -8.26 17.83
C ILE B 237 24.45 -6.76 17.85
N GLU B 238 23.61 -6.33 16.92
CA GLU B 238 23.19 -4.92 16.82
C GLU B 238 22.30 -4.49 17.98
N LYS B 239 21.58 -5.44 18.57
CA LYS B 239 20.69 -5.17 19.70
C LYS B 239 21.42 -5.20 21.05
N GLU B 240 22.69 -5.60 21.03
CA GLU B 240 23.49 -5.73 22.25
C GLU B 240 24.62 -4.71 22.34
N THR B 241 24.91 -4.01 21.24
CA THR B 241 26.11 -3.18 21.14
C THR B 241 26.04 -1.71 21.62
N ASP B 242 25.11 -0.87 21.13
CA ASP B 242 24.07 -1.17 20.14
C ASP B 242 24.51 -0.76 18.74
N TYR B 243 23.62 -0.11 17.99
CA TYR B 243 23.89 0.34 16.62
C TYR B 243 24.99 1.41 16.55
N GLU B 244 25.71 1.57 17.67
CA GLU B 244 26.76 2.58 17.81
C GLU B 244 28.13 2.03 17.40
N ARG B 245 28.22 0.71 17.21
CA ARG B 245 29.49 0.04 16.98
C ARG B 245 29.67 -0.43 15.53
N PHE B 246 28.81 -1.36 15.10
CA PHE B 246 28.93 -1.96 13.76
C PHE B 246 27.94 -1.40 12.75
N LEU B 247 28.34 -1.44 11.48
CA LEU B 247 27.41 -1.23 10.37
C LEU B 247 26.67 -2.54 10.13
N HIS B 248 25.54 -2.47 9.44
CA HIS B 248 24.69 -3.65 9.21
C HIS B 248 25.46 -4.82 8.57
N GLY B 249 26.25 -4.52 7.55
CA GLY B 249 27.05 -5.53 6.85
C GLY B 249 28.14 -6.17 7.70
N GLU B 250 28.67 -5.40 8.66
CA GLU B 250 29.69 -5.89 9.58
C GLU B 250 29.12 -6.86 10.60
N ALA B 251 27.88 -6.60 11.04
CA ALA B 251 27.18 -7.44 12.00
C ALA B 251 26.75 -8.78 11.37
N ILE B 252 26.41 -8.74 10.09
CA ILE B 252 26.06 -9.94 9.33
C ILE B 252 27.31 -10.77 9.07
N ALA B 253 28.45 -10.10 8.87
CA ALA B 253 29.74 -10.75 8.67
C ALA B 253 30.14 -11.65 9.85
N ILE B 254 29.86 -11.18 11.06
CA ILE B 254 30.06 -11.96 12.28
C ILE B 254 28.93 -12.97 12.44
N GLY B 255 27.73 -12.58 12.02
CA GLY B 255 26.55 -13.43 12.09
C GLY B 255 26.62 -14.66 11.19
N MET B 256 27.29 -14.51 10.05
CA MET B 256 27.52 -15.61 9.11
C MET B 256 28.44 -16.66 9.73
N ARG B 257 29.46 -16.20 10.44
CA ARG B 257 30.42 -17.06 11.12
C ARG B 257 29.77 -17.84 12.27
N MET B 258 28.85 -17.18 12.97
CA MET B 258 28.07 -17.81 14.04
C MET B 258 27.10 -18.85 13.47
N ALA B 259 26.58 -18.57 12.28
CA ALA B 259 25.70 -19.49 11.57
C ALA B 259 26.47 -20.68 11.01
N ASN B 260 27.72 -20.44 10.64
CA ASN B 260 28.61 -21.51 10.16
C ASN B 260 29.04 -22.48 11.25
N ASP B 261 29.12 -21.97 12.49
CA ASP B 261 29.42 -22.79 13.66
C ASP B 261 28.26 -23.73 14.00
N LEU B 262 27.04 -23.25 13.82
CA LEU B 262 25.83 -24.02 14.07
C LEU B 262 25.59 -25.06 12.96
N ALA B 263 25.92 -24.70 11.73
CA ALA B 263 25.78 -25.60 10.58
C ALA B 263 26.79 -26.73 10.63
N LEU B 264 27.99 -26.44 11.15
CA LEU B 264 29.04 -27.45 11.32
C LEU B 264 28.71 -28.41 12.46
N SER B 265 28.05 -27.88 13.50
CA SER B 265 27.66 -28.67 14.67
C SER B 265 26.50 -29.63 14.37
N LEU B 266 25.60 -29.19 13.48
CA LEU B 266 24.43 -29.99 13.10
C LEU B 266 24.74 -30.98 11.97
N GLY B 267 25.94 -30.89 11.40
CA GLY B 267 26.36 -31.77 10.32
C GLY B 267 25.83 -31.38 8.97
N MET B 268 25.62 -30.07 8.77
CA MET B 268 25.14 -29.53 7.51
C MET B 268 26.30 -29.12 6.60
N LEU B 269 27.34 -28.56 7.20
CA LEU B 269 28.57 -28.21 6.48
C LEU B 269 29.74 -29.07 6.95
N THR B 270 30.62 -29.40 6.01
CA THR B 270 31.85 -30.12 6.33
C THR B 270 32.92 -29.14 6.82
N LEU B 271 34.02 -29.67 7.33
CA LEU B 271 35.12 -28.86 7.86
C LEU B 271 35.77 -27.98 6.78
N LYS B 272 35.85 -28.53 5.56
CA LYS B 272 36.40 -27.79 4.42
C LYS B 272 35.46 -26.69 3.93
N GLU B 273 34.15 -26.93 4.04
CA GLU B 273 33.14 -25.94 3.68
C GLU B 273 33.10 -24.78 4.68
N TYR B 274 33.28 -25.12 5.95
CA TYR B 274 33.35 -24.13 7.02
C TYR B 274 34.55 -23.21 6.85
N GLU B 275 35.68 -23.78 6.44
CA GLU B 275 36.91 -23.02 6.19
C GLU B 275 36.83 -22.19 4.92
N ARG B 276 36.18 -22.73 3.89
CA ARG B 276 36.06 -22.07 2.58
C ARG B 276 35.33 -20.73 2.65
N ILE B 277 34.24 -20.70 3.41
CA ILE B 277 33.46 -19.48 3.61
C ILE B 277 34.23 -18.47 4.49
N GLU B 278 34.92 -19.00 5.49
CA GLU B 278 35.69 -18.18 6.43
C GLU B 278 36.98 -17.63 5.80
N ASN B 279 37.51 -18.34 4.81
CA ASN B 279 38.67 -17.87 4.04
C ASN B 279 38.31 -16.74 3.08
N LEU B 280 37.10 -16.81 2.51
CA LEU B 280 36.60 -15.79 1.60
C LEU B 280 36.29 -14.49 2.33
N LEU B 281 35.85 -14.62 3.59
CA LEU B 281 35.64 -13.48 4.47
C LEU B 281 36.97 -12.85 4.89
N LYS B 282 38.01 -13.69 5.01
CA LYS B 282 39.35 -13.24 5.35
C LYS B 282 40.02 -12.55 4.16
N LYS B 283 39.68 -13.00 2.95
CA LYS B 283 40.22 -12.44 1.72
C LYS B 283 39.81 -10.97 1.53
N PHE B 284 38.58 -10.64 1.89
CA PHE B 284 38.05 -9.28 1.76
C PHE B 284 38.15 -8.49 3.07
N ASP B 285 38.99 -8.97 3.99
CA ASP B 285 39.21 -8.34 5.30
C ASP B 285 37.89 -8.05 6.03
N LEU B 286 37.09 -9.10 6.21
CA LEU B 286 35.78 -8.99 6.83
C LEU B 286 35.63 -9.84 8.10
N ILE B 287 36.77 -10.19 8.71
CA ILE B 287 36.76 -10.82 10.02
C ILE B 287 36.70 -9.75 11.11
N PHE B 288 35.67 -9.84 11.94
CA PHE B 288 35.50 -8.92 13.07
C PHE B 288 35.32 -9.73 14.35
N HIS B 289 36.28 -9.58 15.26
CA HIS B 289 36.26 -10.33 16.52
C HIS B 289 35.32 -9.68 17.53
N TYR B 290 34.24 -10.38 17.85
CA TYR B 290 33.23 -9.90 18.79
C TYR B 290 33.37 -10.63 20.12
N LYS B 291 33.71 -9.91 21.20
CA LYS B 291 33.97 -8.47 21.14
C LYS B 291 35.45 -8.15 21.34
N PHE B 315 19.30 -19.80 12.37
CA PHE B 315 18.00 -20.11 11.78
C PHE B 315 18.16 -20.41 10.28
N ILE B 316 18.87 -19.54 9.58
CA ILE B 316 19.19 -19.74 8.18
C ILE B 316 20.66 -20.17 8.05
N LEU B 317 20.86 -21.45 7.73
CA LEU B 317 22.20 -22.04 7.68
C LEU B 317 22.46 -22.68 6.32
N PRO B 318 23.72 -22.61 5.83
CA PRO B 318 24.03 -23.22 4.54
C PRO B 318 24.17 -24.74 4.62
N LYS B 319 23.66 -25.43 3.62
CA LYS B 319 23.85 -26.87 3.48
C LYS B 319 24.95 -27.18 2.46
N GLY B 320 25.65 -26.14 2.03
CA GLY B 320 26.72 -26.25 1.04
C GLY B 320 27.12 -24.90 0.50
N VAL B 321 28.24 -24.85 -0.21
CA VAL B 321 28.72 -23.62 -0.85
C VAL B 321 27.86 -23.35 -2.09
N GLY B 322 26.84 -22.51 -1.91
CA GLY B 322 25.89 -22.20 -2.97
C GLY B 322 24.47 -22.66 -2.67
N ALA B 323 24.26 -23.16 -1.45
CA ALA B 323 22.95 -23.66 -1.02
C ALA B 323 22.68 -23.37 0.45
N PHE B 324 21.41 -23.51 0.86
CA PHE B 324 20.99 -23.21 2.23
C PHE B 324 19.81 -24.09 2.67
N GLU B 325 19.61 -24.18 3.99
CA GLU B 325 18.45 -24.84 4.57
C GLU B 325 17.88 -24.04 5.75
N VAL B 326 16.58 -24.18 5.97
CA VAL B 326 15.90 -23.49 7.08
C VAL B 326 15.85 -24.40 8.30
N ALA B 327 16.55 -24.00 9.36
CA ALA B 327 16.55 -24.74 10.62
C ALA B 327 15.68 -24.03 11.65
N SER B 328 14.80 -24.80 12.30
CA SER B 328 13.84 -24.24 13.25
C SER B 328 14.01 -24.77 14.67
N HIS B 329 13.55 -25.99 14.92
CA HIS B 329 13.56 -26.57 16.26
C HIS B 329 14.94 -27.10 16.65
N ILE B 330 15.79 -26.17 17.10
CA ILE B 330 17.14 -26.49 17.54
C ILE B 330 17.23 -26.36 19.06
N PRO B 331 17.73 -27.40 19.75
CA PRO B 331 17.89 -27.39 21.21
C PRO B 331 18.68 -26.18 21.71
N LYS B 332 18.30 -25.68 22.89
CA LYS B 332 18.92 -24.49 23.49
C LYS B 332 20.40 -24.70 23.81
N GLU B 333 20.74 -25.91 24.25
CA GLU B 333 22.12 -26.28 24.59
C GLU B 333 23.06 -26.32 23.38
N THR B 334 22.50 -26.60 22.20
CA THR B 334 23.25 -26.58 20.95
C THR B 334 23.57 -25.14 20.56
N ILE B 335 22.65 -24.23 20.85
CA ILE B 335 22.83 -22.80 20.60
C ILE B 335 23.90 -22.21 21.55
N ILE B 336 23.83 -22.59 22.83
CA ILE B 336 24.77 -22.13 23.85
C ILE B 336 26.20 -22.60 23.56
N LYS B 337 26.32 -23.84 23.07
CA LYS B 337 27.62 -24.41 22.68
C LYS B 337 28.26 -23.61 21.54
N VAL B 338 27.42 -23.11 20.63
CA VAL B 338 27.84 -22.23 19.55
C VAL B 338 28.13 -20.82 20.08
N LEU B 339 27.28 -20.37 21.00
CA LEU B 339 27.43 -19.05 21.63
C LEU B 339 28.59 -18.98 22.63
N GLU B 340 29.17 -20.14 22.96
CA GLU B 340 30.38 -20.20 23.78
C GLU B 340 31.57 -19.72 22.96
N LYS B 341 31.51 -19.93 21.65
CA LYS B 341 32.36 -19.22 20.69
C LYS B 341 31.75 -17.82 20.55
N TRP B 342 32.60 -16.81 20.53
CA TRP B 342 32.13 -15.43 20.76
C TRP B 342 31.65 -14.46 19.65
N HIS B 343 32.15 -14.49 18.40
CA HIS B 343 33.08 -15.45 17.77
C HIS B 343 32.51 -16.85 17.56
#